data_5A8J
#
_entry.id   5A8J
#
_cell.length_a   69.640
_cell.length_b   74.280
_cell.length_c   145.550
_cell.angle_alpha   90.00
_cell.angle_beta   90.00
_cell.angle_gamma   90.00
#
_symmetry.space_group_name_H-M   'C 2 2 21'
#
loop_
_entity.id
_entity.type
_entity.pdbx_description
1 polymer VWA2
2 non-polymer 'SULFATE ION'
3 non-polymer GLYCEROL
4 non-polymer 'CHLORIDE ION'
5 non-polymer 'CITRIC ACID'
6 non-polymer 'SODIUM ION'
7 water water
#
_entity_poly.entity_id   1
_entity_poly.type   'polypeptide(L)'
_entity_poly.pdbx_seq_one_letter_code
;MATVSVSLKSSTNLAFTGKPTQVSLIVRVSPTSFASLSGIHYVVMIDNSPSMKKENKINLALSSASRLVQDIIPGNFISI
YLFSNDIETLYEGESGKQIELKSIKMGYTTNLHKAITKVLEKFKSSEIPVKIILLSDGKPTDKRYSRDYESLQVPKNVQL
ITIGLGEDYNEAIMKILADKGSGVFYHINDPSQLPTTLVEQKSDKVAAYNLTLNFSEGLEVINYEMPVNIPVVDKDVNVY
AVGNIPPGETDYTLKVTGNYVDSVSNKNIEIDESLVIKRAPDDEVRSNFDRTVINEVSYYMLLRYYGNLISEGKSEEATR
VVQELLTAAERTKRVELIERTKKLVNDPKVDLSEVTKTMRTGSIEGRHHHHHH
;
_entity_poly.pdbx_strand_id   A
#
# COMPACT_ATOMS: atom_id res chain seq x y z
N ALA A 2 -16.21 -15.88 10.95
CA ALA A 2 -15.04 -15.27 10.35
C ALA A 2 -15.46 -14.40 9.19
N THR A 3 -14.77 -13.27 9.04
CA THR A 3 -15.09 -12.34 7.95
C THR A 3 -14.02 -12.31 6.87
N VAL A 4 -12.91 -13.03 7.08
CA VAL A 4 -11.92 -13.25 6.03
C VAL A 4 -11.42 -14.67 6.02
N SER A 5 -10.89 -15.07 4.86
CA SER A 5 -10.26 -16.37 4.67
CA SER A 5 -10.26 -16.38 4.66
C SER A 5 -8.87 -16.16 4.13
N VAL A 6 -7.88 -16.72 4.80
CA VAL A 6 -6.49 -16.54 4.43
C VAL A 6 -5.97 -17.83 3.80
N SER A 7 -5.51 -17.73 2.56
CA SER A 7 -5.10 -18.92 1.82
C SER A 7 -3.64 -18.83 1.47
N LEU A 8 -3.00 -19.99 1.40
CA LEU A 8 -1.59 -20.12 1.08
C LEU A 8 -1.46 -21.00 -0.15
N LYS A 9 -0.64 -20.56 -1.09
CA LYS A 9 -0.34 -21.35 -2.28
CA LYS A 9 -0.34 -21.33 -2.30
C LYS A 9 1.17 -21.33 -2.48
N SER A 10 1.76 -22.51 -2.49
CA SER A 10 3.20 -22.64 -2.58
C SER A 10 3.63 -23.27 -3.89
N SER A 11 4.82 -22.90 -4.35
CA SER A 11 5.42 -23.51 -5.53
C SER A 11 5.98 -24.89 -5.25
N THR A 12 6.12 -25.24 -3.98
CA THR A 12 6.66 -26.55 -3.63
C THR A 12 6.11 -27.13 -2.34
N ASN A 13 6.04 -28.46 -2.30
CA ASN A 13 5.77 -29.20 -1.08
C ASN A 13 7.04 -29.89 -0.58
N LEU A 14 8.11 -29.78 -1.37
CA LEU A 14 9.35 -30.53 -1.12
C LEU A 14 10.58 -29.62 -1.17
N ALA A 15 11.63 -30.08 -0.51
CA ALA A 15 12.91 -29.38 -0.53
C ALA A 15 14.06 -30.35 -0.69
N PHE A 16 15.09 -29.88 -1.34
CA PHE A 16 16.33 -30.60 -1.50
C PHE A 16 16.98 -30.86 -0.16
N THR A 17 17.78 -31.90 -0.11
CA THR A 17 18.44 -32.26 1.13
C THR A 17 19.90 -31.80 1.20
N GLY A 18 20.55 -31.58 0.06
CA GLY A 18 21.95 -31.18 0.08
C GLY A 18 22.25 -29.72 -0.21
N LYS A 19 21.23 -28.92 -0.40
CA LYS A 19 21.36 -27.50 -0.75
C LYS A 19 20.03 -26.80 -0.43
N PRO A 20 20.05 -25.46 -0.35
CA PRO A 20 18.81 -24.72 -0.09
C PRO A 20 17.85 -24.77 -1.27
N THR A 21 16.57 -24.61 -0.95
CA THR A 21 15.49 -24.68 -1.93
C THR A 21 14.78 -23.37 -1.97
N GLN A 22 14.53 -22.89 -3.19
CA GLN A 22 13.77 -21.67 -3.37
CA GLN A 22 13.74 -21.68 -3.40
C GLN A 22 12.28 -22.00 -3.29
N VAL A 23 11.52 -21.08 -2.72
CA VAL A 23 10.08 -21.26 -2.60
C VAL A 23 9.43 -19.94 -2.95
N SER A 24 8.37 -20.02 -3.76
CA SER A 24 7.53 -18.88 -4.10
C SER A 24 6.17 -19.12 -3.46
N LEU A 25 5.63 -18.11 -2.78
CA LEU A 25 4.37 -18.24 -2.03
CA LEU A 25 4.39 -18.24 -2.02
C LEU A 25 3.43 -17.12 -2.37
N ILE A 26 2.16 -17.46 -2.55
CA ILE A 26 1.11 -16.47 -2.74
C ILE A 26 0.13 -16.60 -1.58
N VAL A 27 -0.07 -15.52 -0.83
CA VAL A 27 -1.00 -15.53 0.28
C VAL A 27 -2.12 -14.58 -0.03
N ARG A 28 -3.37 -15.00 0.11
CA ARG A 28 -4.48 -14.11 -0.18
C ARG A 28 -5.40 -14.01 1.03
N VAL A 29 -5.81 -12.78 1.32
CA VAL A 29 -6.79 -12.53 2.35
C VAL A 29 -8.05 -12.11 1.64
N SER A 30 -9.07 -12.97 1.69
CA SER A 30 -10.29 -12.77 0.95
CA SER A 30 -10.31 -12.77 0.96
C SER A 30 -11.44 -12.40 1.90
N PRO A 31 -12.01 -11.22 1.72
CA PRO A 31 -13.16 -10.92 2.60
C PRO A 31 -14.35 -11.81 2.25
N THR A 32 -14.99 -12.35 3.27
CA THR A 32 -16.14 -13.24 3.08
C THR A 32 -17.46 -12.68 3.64
N SER A 33 -17.38 -11.69 4.52
CA SER A 33 -18.57 -10.93 4.85
CA SER A 33 -18.55 -11.01 5.06
C SER A 33 -18.16 -9.58 5.37
N PHE A 34 -19.14 -8.69 5.39
CA PHE A 34 -18.89 -7.26 5.57
C PHE A 34 -19.81 -6.63 6.60
N ALA A 35 -19.36 -5.50 7.12
CA ALA A 35 -20.13 -4.68 8.03
C ALA A 35 -19.82 -3.20 7.78
N SER A 36 -20.66 -2.32 8.29
CA SER A 36 -20.42 -0.88 8.15
CA SER A 36 -20.43 -0.88 8.14
C SER A 36 -19.13 -0.47 8.85
N LEU A 37 -18.38 0.41 8.19
CA LEU A 37 -17.14 0.93 8.74
C LEU A 37 -17.41 1.63 10.05
N SER A 38 -16.60 1.34 11.07
CA SER A 38 -16.82 1.88 12.40
CA SER A 38 -16.75 2.05 12.33
C SER A 38 -15.49 2.03 13.16
N GLY A 39 -15.32 3.10 13.92
CA GLY A 39 -14.20 3.20 14.85
C GLY A 39 -12.82 3.47 14.27
N ILE A 40 -12.76 3.94 13.02
CA ILE A 40 -11.45 4.22 12.44
C ILE A 40 -11.22 5.72 12.34
N HIS A 41 -9.99 6.07 11.98
CA HIS A 41 -9.56 7.47 11.96
C HIS A 41 -8.90 7.76 10.62
N TYR A 42 -9.53 8.62 9.83
CA TYR A 42 -8.92 9.12 8.61
C TYR A 42 -8.14 10.38 8.90
N VAL A 43 -7.00 10.52 8.25
CA VAL A 43 -6.24 11.76 8.30
C VAL A 43 -5.99 12.24 6.88
N VAL A 44 -6.33 13.49 6.59
CA VAL A 44 -6.02 14.06 5.30
C VAL A 44 -5.01 15.18 5.54
N MET A 45 -3.85 15.06 4.91
CA MET A 45 -2.79 16.06 5.01
C MET A 45 -2.65 16.77 3.68
N ILE A 46 -2.84 18.09 3.69
CA ILE A 46 -2.88 18.85 2.45
C ILE A 46 -1.76 19.88 2.45
N ASP A 47 -0.90 19.79 1.46
CA ASP A 47 0.12 20.79 1.19
C ASP A 47 -0.51 22.18 1.09
N ASN A 48 0.03 23.11 1.87
CA ASN A 48 -0.47 24.50 1.87
C ASN A 48 0.61 25.51 1.52
N SER A 49 1.59 25.04 0.75
CA SER A 49 2.65 25.85 0.17
CA SER A 49 2.63 25.92 0.26
C SER A 49 2.08 26.85 -0.82
N PRO A 50 2.86 27.87 -1.19
CA PRO A 50 2.35 28.83 -2.16
C PRO A 50 1.93 28.23 -3.53
N SER A 51 2.57 27.16 -3.99
CA SER A 51 2.17 26.60 -5.29
C SER A 51 0.71 26.12 -5.28
N MET A 52 0.25 25.63 -4.13
CA MET A 52 -1.12 25.12 -4.02
C MET A 52 -2.16 26.22 -4.08
N LYS A 53 -1.75 27.46 -3.82
CA LYS A 53 -2.66 28.61 -3.94
C LYS A 53 -2.96 28.84 -5.41
N LYS A 54 -2.05 28.41 -6.28
CA LYS A 54 -2.21 28.67 -7.70
C LYS A 54 -3.42 27.92 -8.23
N GLU A 55 -4.18 28.62 -9.05
CA GLU A 55 -5.26 27.99 -9.79
C GLU A 55 -6.24 27.24 -8.91
N ASN A 56 -6.55 27.80 -7.75
CA ASN A 56 -7.55 27.19 -6.86
C ASN A 56 -7.26 25.75 -6.43
N LYS A 57 -6.02 25.31 -6.53
CA LYS A 57 -5.71 23.94 -6.13
C LYS A 57 -6.11 23.68 -4.68
N ILE A 58 -5.74 24.60 -3.81
CA ILE A 58 -6.00 24.45 -2.39
C ILE A 58 -7.52 24.38 -2.16
N ASN A 59 -8.27 25.14 -2.96
CA ASN A 59 -9.73 25.16 -2.80
C ASN A 59 -10.37 23.88 -3.28
N LEU A 60 -9.90 23.35 -4.39
CA LEU A 60 -10.33 22.05 -4.86
C LEU A 60 -10.03 21.02 -3.78
N ALA A 61 -8.83 21.09 -3.18
CA ALA A 61 -8.45 20.10 -2.19
C ALA A 61 -9.30 20.20 -0.93
N LEU A 62 -9.56 21.41 -0.45
CA LEU A 62 -10.34 21.60 0.76
C LEU A 62 -11.82 21.29 0.56
N SER A 63 -12.40 21.66 -0.57
CA SER A 63 -13.81 21.34 -0.78
CA SER A 63 -13.79 21.33 -0.84
C SER A 63 -13.95 19.82 -0.85
N SER A 64 -12.98 19.16 -1.47
CA SER A 64 -12.99 17.70 -1.55
C SER A 64 -12.79 17.02 -0.17
N ALA A 65 -11.86 17.54 0.63
CA ALA A 65 -11.71 17.09 2.00
C ALA A 65 -13.02 17.27 2.79
N SER A 66 -13.70 18.40 2.63
CA SER A 66 -14.98 18.59 3.31
CA SER A 66 -15.00 18.63 3.27
C SER A 66 -16.00 17.54 2.87
N ARG A 67 -16.00 17.21 1.59
CA ARG A 67 -16.92 16.20 1.13
C ARG A 67 -16.59 14.87 1.77
N LEU A 68 -15.31 14.53 1.82
CA LEU A 68 -14.92 13.27 2.41
C LEU A 68 -15.40 13.22 3.87
N VAL A 69 -15.26 14.31 4.61
CA VAL A 69 -15.74 14.37 5.98
C VAL A 69 -17.23 14.02 6.02
N GLN A 70 -17.98 14.61 5.11
CA GLN A 70 -19.43 14.41 5.03
C GLN A 70 -19.78 12.96 4.70
N ASP A 71 -19.02 12.37 3.79
CA ASP A 71 -19.44 11.13 3.13
C ASP A 71 -19.02 9.88 3.88
N ILE A 72 -17.97 9.99 4.68
CA ILE A 72 -17.57 8.87 5.52
C ILE A 72 -18.73 8.65 6.50
N ILE A 73 -19.16 7.41 6.67
CA ILE A 73 -20.33 7.21 7.47
C ILE A 73 -20.07 7.53 8.93
N PRO A 74 -21.13 7.94 9.66
CA PRO A 74 -20.98 8.25 11.08
C PRO A 74 -20.39 7.08 11.83
N GLY A 75 -19.71 7.41 12.92
CA GLY A 75 -19.09 6.41 13.75
C GLY A 75 -17.59 6.27 13.57
N ASN A 76 -17.02 7.18 12.78
CA ASN A 76 -15.58 7.21 12.57
C ASN A 76 -15.07 8.60 12.90
N PHE A 77 -13.76 8.79 12.78
CA PHE A 77 -13.14 10.05 13.15
C PHE A 77 -12.28 10.53 12.01
N ILE A 78 -12.13 11.84 11.87
CA ILE A 78 -11.32 12.39 10.79
C ILE A 78 -10.60 13.66 11.24
N SER A 79 -9.32 13.73 10.89
CA SER A 79 -8.50 14.92 11.09
C SER A 79 -8.08 15.45 9.73
N ILE A 80 -8.16 16.78 9.61
CA ILE A 80 -7.72 17.48 8.40
C ILE A 80 -6.60 18.41 8.82
N TYR A 81 -5.43 18.22 8.22
CA TYR A 81 -4.27 19.06 8.47
C TYR A 81 -3.83 19.73 7.19
N LEU A 82 -3.35 20.96 7.34
CA LEU A 82 -2.60 21.64 6.30
C LEU A 82 -1.15 21.58 6.74
N PHE A 83 -0.22 21.49 5.78
CA PHE A 83 1.20 21.57 6.12
C PHE A 83 1.97 22.42 5.13
N SER A 84 2.92 23.17 5.69
CA SER A 84 3.92 23.85 4.88
C SER A 84 5.16 23.90 5.75
N ASN A 85 5.44 25.02 6.41
CA ASN A 85 6.49 25.09 7.41
CA ASN A 85 6.55 25.00 7.36
C ASN A 85 6.25 24.11 8.55
N ASP A 86 4.99 23.99 8.94
CA ASP A 86 4.60 23.09 10.02
C ASP A 86 3.21 22.64 9.69
N ILE A 87 2.60 21.86 10.58
CA ILE A 87 1.25 21.33 10.38
C ILE A 87 0.29 22.19 11.16
N GLU A 88 -0.91 22.37 10.61
CA GLU A 88 -1.97 23.04 11.33
CA GLU A 88 -1.97 23.05 11.32
C GLU A 88 -3.25 22.25 11.16
N THR A 89 -4.04 22.22 12.23
CA THR A 89 -5.28 21.45 12.26
C THR A 89 -6.45 22.31 11.85
N LEU A 90 -7.19 21.87 10.84
CA LEU A 90 -8.42 22.52 10.42
CA LEU A 90 -8.42 22.52 10.43
C LEU A 90 -9.65 21.88 11.05
N TYR A 91 -9.61 20.57 11.23
CA TYR A 91 -10.75 19.85 11.79
C TYR A 91 -10.26 18.58 12.43
N GLU A 92 -10.84 18.28 13.58
CA GLU A 92 -10.64 16.99 14.20
C GLU A 92 -11.92 16.65 14.90
N GLY A 93 -12.61 15.66 14.37
CA GLY A 93 -13.90 15.26 14.93
C GLY A 93 -14.55 14.12 14.20
N GLU A 94 -15.83 13.92 14.49
CA GLU A 94 -16.55 12.80 13.93
C GLU A 94 -16.77 12.95 12.44
N SER A 95 -16.93 11.81 11.77
CA SER A 95 -17.28 11.76 10.38
C SER A 95 -18.77 11.98 10.22
N GLY A 96 -19.21 12.32 9.00
CA GLY A 96 -20.62 12.41 8.71
C GLY A 96 -21.20 13.78 8.99
N LYS A 97 -20.32 14.78 9.07
CA LYS A 97 -20.70 16.13 9.45
C LYS A 97 -20.49 17.05 8.26
N GLN A 98 -21.29 18.11 8.22
CA GLN A 98 -21.14 19.14 7.22
C GLN A 98 -20.27 20.23 7.80
N ILE A 99 -19.06 20.37 7.27
CA ILE A 99 -18.13 21.38 7.77
C ILE A 99 -17.55 22.15 6.62
N GLU A 100 -17.25 23.41 6.84
CA GLU A 100 -16.59 24.21 5.84
C GLU A 100 -15.13 24.26 6.21
N LEU A 101 -14.27 23.79 5.31
CA LEU A 101 -12.85 23.88 5.52
C LEU A 101 -12.33 25.07 4.72
N LYS A 102 -11.82 26.07 5.44
CA LYS A 102 -11.27 27.26 4.79
C LYS A 102 -9.74 27.27 4.92
N SER A 103 -9.06 27.74 3.89
CA SER A 103 -7.61 27.82 4.00
CA SER A 103 -7.61 27.87 3.94
C SER A 103 -7.23 28.92 4.96
N ILE A 104 -6.05 28.79 5.52
CA ILE A 104 -5.53 29.80 6.43
C ILE A 104 -4.13 30.11 5.96
N LYS A 105 -3.65 31.29 6.34
CA LYS A 105 -2.28 31.67 6.04
C LYS A 105 -1.32 30.88 6.91
N MET A 106 -0.23 30.44 6.29
CA MET A 106 0.79 29.65 6.96
C MET A 106 2.14 30.07 6.39
N GLY A 107 3.18 29.43 6.88
CA GLY A 107 4.52 29.77 6.49
C GLY A 107 4.82 29.27 5.11
N TYR A 108 5.98 29.66 4.61
CA TYR A 108 6.52 29.15 3.38
C TYR A 108 7.23 27.86 3.69
N THR A 109 7.72 27.21 2.64
CA THR A 109 8.44 25.94 2.67
C THR A 109 7.49 24.76 2.76
N THR A 110 8.00 23.62 2.32
CA THR A 110 7.26 22.37 2.35
C THR A 110 8.03 21.33 3.14
N ASN A 111 7.82 21.35 4.46
CA ASN A 111 8.54 20.44 5.32
C ASN A 111 7.75 19.15 5.44
N LEU A 112 7.77 18.38 4.36
CA LEU A 112 7.00 17.16 4.24
C LEU A 112 7.45 16.09 5.24
N HIS A 113 8.76 15.94 5.41
CA HIS A 113 9.27 14.92 6.31
C HIS A 113 8.85 15.22 7.75
N LYS A 114 8.93 16.49 8.12
CA LYS A 114 8.53 16.91 9.45
C LYS A 114 7.04 16.64 9.65
N ALA A 115 6.25 17.01 8.66
CA ALA A 115 4.80 16.85 8.74
C ALA A 115 4.40 15.38 8.92
N ILE A 116 4.93 14.51 8.07
CA ILE A 116 4.56 13.11 8.16
C ILE A 116 5.11 12.46 9.44
N THR A 117 6.30 12.82 9.86
CA THR A 117 6.87 12.33 11.11
CA THR A 117 6.79 12.21 11.09
C THR A 117 5.95 12.66 12.28
N LYS A 118 5.51 13.92 12.32
CA LYS A 118 4.69 14.38 13.45
C LYS A 118 3.36 13.64 13.47
N VAL A 119 2.78 13.43 12.30
CA VAL A 119 1.48 12.77 12.25
C VAL A 119 1.63 11.30 12.62
N LEU A 120 2.67 10.65 12.10
CA LEU A 120 2.90 9.24 12.44
C LEU A 120 3.07 9.08 13.95
N GLU A 121 3.79 10.00 14.57
CA GLU A 121 4.04 9.93 16.01
C GLU A 121 2.74 9.99 16.82
N LYS A 122 1.75 10.71 16.32
CA LYS A 122 0.45 10.75 17.00
C LYS A 122 -0.14 9.36 17.22
N PHE A 123 0.24 8.40 16.37
CA PHE A 123 -0.37 7.07 16.42
C PHE A 123 0.56 5.95 16.82
N LYS A 124 1.71 6.29 17.40
CA LYS A 124 2.61 5.28 17.92
C LYS A 124 1.86 4.49 18.98
N SER A 125 1.96 3.17 18.89
CA SER A 125 1.37 2.30 19.90
C SER A 125 -0.15 2.38 19.97
N SER A 126 -0.79 2.99 18.97
CA SER A 126 -2.25 3.08 18.96
C SER A 126 -2.91 1.81 18.40
N GLU A 127 -4.06 1.46 18.95
CA GLU A 127 -4.83 0.31 18.50
C GLU A 127 -5.87 0.72 17.45
N ILE A 128 -5.98 2.02 17.20
CA ILE A 128 -6.98 2.55 16.26
C ILE A 128 -6.55 2.38 14.79
N PRO A 129 -7.43 1.83 13.94
CA PRO A 129 -7.05 1.77 12.52
C PRO A 129 -7.00 3.17 11.95
N VAL A 130 -5.93 3.51 11.24
CA VAL A 130 -5.75 4.86 10.72
C VAL A 130 -5.40 4.79 9.24
N LYS A 131 -6.06 5.62 8.45
CA LYS A 131 -5.68 5.83 7.05
C LYS A 131 -5.28 7.30 6.88
N ILE A 132 -4.03 7.52 6.47
CA ILE A 132 -3.52 8.85 6.20
C ILE A 132 -3.43 9.01 4.68
N ILE A 133 -3.98 10.13 4.21
CA ILE A 133 -3.97 10.47 2.80
C ILE A 133 -3.23 11.78 2.68
N LEU A 134 -2.11 11.77 1.95
CA LEU A 134 -1.24 12.95 1.87
C LEU A 134 -1.20 13.46 0.45
N LEU A 135 -1.50 14.74 0.28
CA LEU A 135 -1.59 15.36 -1.05
C LEU A 135 -0.53 16.44 -1.17
N SER A 136 0.17 16.44 -2.30
CA SER A 136 1.14 17.50 -2.55
C SER A 136 1.33 17.73 -4.04
N ASP A 137 1.67 18.96 -4.37
CA ASP A 137 1.95 19.34 -5.76
C ASP A 137 3.38 19.83 -5.93
N GLY A 138 4.24 19.59 -4.95
CA GLY A 138 5.59 20.12 -5.06
C GLY A 138 6.61 19.30 -4.31
N LYS A 139 7.87 19.68 -4.48
CA LYS A 139 8.95 18.93 -3.85
C LYS A 139 9.12 19.38 -2.40
N PRO A 140 9.48 18.46 -1.50
CA PRO A 140 9.77 18.87 -0.13
C PRO A 140 10.95 19.79 -0.09
N THR A 141 11.03 20.61 0.93
CA THR A 141 12.21 21.45 1.07
C THR A 141 13.04 21.03 2.28
N ASP A 142 12.50 20.15 3.13
CA ASP A 142 13.32 19.66 4.25
C ASP A 142 14.20 18.47 3.87
N LYS A 143 13.59 17.33 3.64
CA LYS A 143 14.30 16.17 3.13
C LYS A 143 13.90 15.97 1.68
N ARG A 144 14.87 16.19 0.81
CA ARG A 144 14.61 16.34 -0.62
C ARG A 144 14.78 15.07 -1.48
N TYR A 145 15.21 13.96 -0.86
CA TYR A 145 15.50 12.74 -1.60
C TYR A 145 14.77 11.56 -1.02
N SER A 146 14.35 10.64 -1.88
CA SER A 146 13.60 9.48 -1.41
C SER A 146 14.39 8.67 -0.37
N ARG A 147 15.72 8.59 -0.51
CA ARG A 147 16.51 7.83 0.44
C ARG A 147 16.32 8.38 1.86
N ASP A 148 15.99 9.67 1.98
CA ASP A 148 15.76 10.29 3.28
C ASP A 148 14.54 9.73 4.02
N TYR A 149 13.70 9.00 3.31
CA TYR A 149 12.43 8.52 3.85
C TYR A 149 12.49 7.03 4.10
N GLU A 150 13.61 6.41 3.77
CA GLU A 150 13.71 4.96 3.93
C GLU A 150 13.71 4.53 5.40
N SER A 151 14.03 5.44 6.31
CA SER A 151 14.06 5.12 7.73
C SER A 151 12.74 5.39 8.44
N LEU A 152 11.75 5.89 7.70
CA LEU A 152 10.47 6.25 8.31
C LEU A 152 9.85 5.05 9.01
N GLN A 153 9.39 5.27 10.24
CA GLN A 153 8.75 4.22 11.03
C GLN A 153 7.24 4.43 11.01
N VAL A 154 6.54 3.64 10.20
CA VAL A 154 5.07 3.69 10.16
C VAL A 154 4.50 2.74 11.21
N PRO A 155 3.69 3.27 12.15
CA PRO A 155 3.21 2.40 13.22
C PRO A 155 2.30 1.32 12.71
N LYS A 156 2.17 0.27 13.51
CA LYS A 156 1.20 -0.76 13.24
C LYS A 156 -0.15 -0.07 13.13
N ASN A 157 -0.93 -0.53 12.19
CA ASN A 157 -2.31 -0.09 12.05
C ASN A 157 -2.48 1.28 11.43
N VAL A 158 -1.39 1.79 10.86
CA VAL A 158 -1.46 2.99 10.05
C VAL A 158 -1.15 2.66 8.61
N GLN A 159 -1.97 3.19 7.71
CA GLN A 159 -1.72 3.11 6.29
C GLN A 159 -1.48 4.49 5.76
N LEU A 160 -0.60 4.59 4.76
CA LEU A 160 -0.28 5.88 4.16
C LEU A 160 -0.49 5.82 2.65
N ILE A 161 -1.36 6.70 2.19
CA ILE A 161 -1.72 6.85 0.80
C ILE A 161 -1.24 8.22 0.36
N THR A 162 -0.67 8.29 -0.84
CA THR A 162 -0.17 9.58 -1.33
C THR A 162 -0.82 9.94 -2.67
N ILE A 163 -1.07 11.23 -2.85
CA ILE A 163 -1.59 11.79 -4.06
C ILE A 163 -0.66 12.89 -4.52
N GLY A 164 -0.04 12.67 -5.68
CA GLY A 164 0.81 13.67 -6.30
C GLY A 164 0.08 14.38 -7.42
N LEU A 165 0.05 15.71 -7.33
CA LEU A 165 -0.72 16.53 -8.24
C LEU A 165 0.22 17.27 -9.20
N GLY A 166 0.01 17.09 -10.50
CA GLY A 166 0.74 17.87 -11.49
C GLY A 166 2.09 17.28 -11.84
N GLU A 167 3.01 18.10 -12.35
CA GLU A 167 4.28 17.58 -12.84
C GLU A 167 5.47 17.96 -11.97
N ASP A 168 5.27 18.68 -10.87
CA ASP A 168 6.40 19.29 -10.17
C ASP A 168 6.76 18.70 -8.80
N TYR A 169 6.10 17.61 -8.41
CA TYR A 169 6.40 16.99 -7.12
C TYR A 169 7.42 15.85 -7.34
N ASN A 170 7.90 15.27 -6.26
CA ASN A 170 8.93 14.22 -6.34
C ASN A 170 8.26 12.86 -6.23
N GLU A 171 8.10 12.21 -7.38
CA GLU A 171 7.40 10.94 -7.40
C GLU A 171 8.10 9.85 -6.64
N ALA A 172 9.43 9.89 -6.54
CA ALA A 172 10.14 8.85 -5.82
C ALA A 172 9.79 8.92 -4.35
N ILE A 173 9.61 10.13 -3.83
CA ILE A 173 9.23 10.31 -2.46
C ILE A 173 7.77 9.88 -2.24
N MET A 174 6.87 10.24 -3.16
CA MET A 174 5.48 9.86 -2.98
C MET A 174 5.36 8.32 -3.03
N LYS A 175 6.18 7.69 -3.86
CA LYS A 175 6.17 6.24 -3.91
C LYS A 175 6.67 5.57 -2.65
N ILE A 176 7.81 6.02 -2.15
CA ILE A 176 8.38 5.39 -0.97
CA ILE A 176 8.37 5.35 -0.99
C ILE A 176 7.43 5.53 0.21
N LEU A 177 6.77 6.69 0.31
CA LEU A 177 5.82 6.89 1.40
C LEU A 177 4.67 5.87 1.32
N ALA A 178 4.12 5.71 0.14
CA ALA A 178 3.07 4.71 -0.09
C ALA A 178 3.58 3.30 0.22
N ASP A 179 4.81 3.02 -0.18
CA ASP A 179 5.36 1.70 0.07
C ASP A 179 5.48 1.50 1.58
N LYS A 180 6.09 2.46 2.28
CA LYS A 180 6.30 2.30 3.74
C LYS A 180 4.98 2.18 4.49
N GLY A 181 3.92 2.76 3.93
CA GLY A 181 2.63 2.75 4.59
C GLY A 181 1.62 1.78 3.97
N SER A 182 2.09 0.90 3.10
CA SER A 182 1.26 -0.15 2.52
CA SER A 182 1.26 -0.15 2.52
C SER A 182 0.03 0.44 1.84
N GLY A 183 0.22 1.60 1.23
CA GLY A 183 -0.84 2.27 0.50
C GLY A 183 -0.58 2.31 -0.97
N VAL A 184 -1.27 3.25 -1.63
CA VAL A 184 -1.14 3.49 -3.04
C VAL A 184 -0.68 4.91 -3.23
N PHE A 185 0.13 5.14 -4.26
CA PHE A 185 0.54 6.47 -4.71
C PHE A 185 -0.22 6.74 -6.00
N TYR A 186 -1.14 7.71 -5.93
CA TYR A 186 -1.91 8.19 -7.08
C TYR A 186 -1.22 9.39 -7.72
N HIS A 187 -0.78 9.22 -8.97
CA HIS A 187 -0.37 10.36 -9.76
C HIS A 187 -1.58 10.89 -10.49
N ILE A 188 -1.84 12.19 -10.35
CA ILE A 188 -2.90 12.82 -11.12
C ILE A 188 -2.38 14.09 -11.78
N ASN A 189 -2.35 14.05 -13.11
CA ASN A 189 -1.77 15.14 -13.86
C ASN A 189 -2.55 16.42 -13.73
N ASP A 190 -3.87 16.28 -13.64
CA ASP A 190 -4.75 17.43 -13.70
C ASP A 190 -5.62 17.58 -12.46
N PRO A 191 -5.72 18.80 -11.92
CA PRO A 191 -6.53 19.04 -10.72
C PRO A 191 -7.97 18.58 -10.87
N SER A 192 -8.49 18.52 -12.10
CA SER A 192 -9.85 18.05 -12.30
C SER A 192 -10.08 16.65 -11.74
N GLN A 193 -9.03 15.83 -11.61
CA GLN A 193 -9.17 14.48 -11.10
C GLN A 193 -9.05 14.39 -9.57
N LEU A 194 -8.71 15.51 -8.94
CA LEU A 194 -8.41 15.47 -7.52
C LEU A 194 -9.67 15.15 -6.68
N PRO A 195 -10.80 15.75 -6.99
CA PRO A 195 -11.93 15.46 -6.11
C PRO A 195 -12.32 13.98 -6.07
N THR A 196 -12.37 13.34 -7.23
CA THR A 196 -12.73 11.94 -7.28
C THR A 196 -11.71 11.08 -6.55
N THR A 197 -10.43 11.36 -6.77
CA THR A 197 -9.37 10.54 -6.16
C THR A 197 -9.46 10.62 -4.65
N LEU A 198 -9.77 11.80 -4.12
CA LEU A 198 -9.80 11.98 -2.68
C LEU A 198 -11.09 11.40 -2.07
N VAL A 199 -12.23 11.70 -2.66
CA VAL A 199 -13.51 11.29 -2.09
C VAL A 199 -13.63 9.75 -2.18
N GLU A 200 -13.02 9.16 -3.18
CA GLU A 200 -13.13 7.71 -3.36
C GLU A 200 -12.33 6.95 -2.31
N GLN A 201 -11.57 7.65 -1.47
CA GLN A 201 -10.79 6.97 -0.45
C GLN A 201 -11.63 6.42 0.71
N LYS A 202 -12.88 6.86 0.81
CA LYS A 202 -13.82 6.34 1.82
C LYS A 202 -14.18 4.88 1.55
N SER A 203 -14.53 4.13 2.60
CA SER A 203 -15.09 2.78 2.48
C SER A 203 -16.32 2.70 3.32
N ASP A 204 -17.41 2.21 2.75
CA ASP A 204 -18.62 2.10 3.54
C ASP A 204 -18.69 0.78 4.29
N LYS A 205 -18.18 -0.26 3.64
CA LYS A 205 -18.29 -1.66 4.09
C LYS A 205 -16.90 -2.26 4.20
N VAL A 206 -16.65 -2.99 5.27
CA VAL A 206 -15.33 -3.55 5.53
CA VAL A 206 -15.32 -3.55 5.54
C VAL A 206 -15.48 -4.94 6.12
N ALA A 207 -14.47 -5.78 5.91
CA ALA A 207 -14.45 -7.15 6.41
C ALA A 207 -13.59 -7.29 7.68
N ALA A 208 -12.49 -6.54 7.76
CA ALA A 208 -11.56 -6.71 8.88
C ALA A 208 -10.80 -5.42 9.18
N TYR A 209 -10.42 -5.24 10.44
CA TYR A 209 -9.49 -4.19 10.81
C TYR A 209 -8.18 -4.77 11.35
N ASN A 210 -7.14 -3.96 11.23
CA ASN A 210 -5.85 -4.22 11.87
C ASN A 210 -5.39 -5.65 11.65
N LEU A 211 -5.30 -5.98 10.37
CA LEU A 211 -4.82 -7.28 9.92
CA LEU A 211 -4.82 -7.29 9.94
C LEU A 211 -3.30 -7.30 9.95
N THR A 212 -2.73 -8.31 10.61
CA THR A 212 -1.28 -8.50 10.58
C THR A 212 -0.98 -9.92 10.09
N LEU A 213 0.00 -10.01 9.19
CA LEU A 213 0.52 -11.29 8.69
C LEU A 213 2.02 -11.35 8.95
N ASN A 214 2.42 -12.30 9.78
CA ASN A 214 3.82 -12.51 10.07
C ASN A 214 4.26 -13.73 9.31
N PHE A 215 5.43 -13.65 8.69
CA PHE A 215 5.92 -14.74 7.90
C PHE A 215 7.09 -15.39 8.62
N SER A 216 7.18 -16.71 8.52
CA SER A 216 8.28 -17.40 9.16
C SER A 216 9.61 -17.06 8.49
N GLU A 217 10.68 -17.49 9.14
CA GLU A 217 12.03 -17.10 8.76
C GLU A 217 12.36 -17.47 7.32
N GLY A 218 13.07 -16.59 6.64
CA GLY A 218 13.58 -16.91 5.32
C GLY A 218 12.64 -16.54 4.19
N LEU A 219 11.46 -16.06 4.54
CA LEU A 219 10.45 -15.66 3.55
C LEU A 219 10.42 -14.17 3.41
N GLU A 220 10.59 -13.69 2.19
CA GLU A 220 10.57 -12.25 1.91
C GLU A 220 9.40 -11.81 1.09
N VAL A 221 8.54 -11.01 1.69
CA VAL A 221 7.39 -10.45 0.98
C VAL A 221 7.90 -9.37 0.02
N ILE A 222 7.42 -9.45 -1.22
CA ILE A 222 7.85 -8.59 -2.33
C ILE A 222 7.06 -7.29 -2.43
N ASN A 223 5.74 -7.36 -2.21
CA ASN A 223 4.84 -6.27 -2.58
C ASN A 223 4.31 -5.41 -1.42
N TYR A 224 4.58 -5.85 -0.18
CA TYR A 224 4.25 -5.12 1.02
C TYR A 224 5.46 -5.13 1.95
N GLU A 225 5.60 -4.07 2.74
CA GLU A 225 6.52 -4.05 3.88
C GLU A 225 6.13 -5.12 4.87
N MET A 226 7.13 -5.69 5.55
CA MET A 226 6.92 -6.72 6.54
C MET A 226 7.15 -6.12 7.93
N PRO A 227 6.39 -6.59 8.94
CA PRO A 227 5.28 -7.53 8.83
C PRO A 227 4.17 -6.87 8.05
N VAL A 228 3.39 -7.67 7.33
CA VAL A 228 2.30 -7.13 6.55
C VAL A 228 1.22 -6.64 7.51
N ASN A 229 0.90 -5.37 7.46
CA ASN A 229 -0.08 -4.84 8.38
CA ASN A 229 -0.03 -4.77 8.40
C ASN A 229 -0.94 -3.84 7.64
N ILE A 230 -2.25 -4.08 7.71
CA ILE A 230 -3.24 -3.32 6.97
C ILE A 230 -4.40 -2.99 7.88
N PRO A 231 -4.64 -1.69 8.12
CA PRO A 231 -5.68 -1.34 9.09
C PRO A 231 -7.10 -1.63 8.63
N VAL A 232 -7.37 -1.60 7.34
CA VAL A 232 -8.71 -1.84 6.87
C VAL A 232 -8.71 -2.76 5.69
N VAL A 233 -9.40 -3.90 5.80
CA VAL A 233 -9.53 -4.84 4.68
C VAL A 233 -10.96 -4.74 4.13
N ASP A 234 -11.07 -4.24 2.91
CA ASP A 234 -12.38 -4.10 2.26
C ASP A 234 -12.46 -4.74 0.88
N LYS A 235 -11.39 -5.47 0.51
CA LYS A 235 -11.32 -6.22 -0.73
C LYS A 235 -10.13 -7.14 -0.58
N ASP A 236 -9.94 -8.03 -1.55
CA ASP A 236 -8.86 -9.00 -1.50
C ASP A 236 -7.52 -8.33 -1.26
N VAL A 237 -6.74 -8.95 -0.39
CA VAL A 237 -5.35 -8.54 -0.18
C VAL A 237 -4.48 -9.68 -0.69
N ASN A 238 -3.59 -9.37 -1.62
CA ASN A 238 -2.75 -10.36 -2.28
C ASN A 238 -1.31 -10.12 -1.92
N VAL A 239 -0.65 -11.15 -1.40
CA VAL A 239 0.72 -11.02 -0.92
C VAL A 239 1.60 -12.04 -1.63
N TYR A 240 2.71 -11.58 -2.21
CA TYR A 240 3.63 -12.44 -2.97
C TYR A 240 4.98 -12.46 -2.25
N ALA A 241 5.53 -13.65 -2.03
CA ALA A 241 6.79 -13.78 -1.32
C ALA A 241 7.69 -14.80 -1.99
N VAL A 242 8.99 -14.63 -1.79
CA VAL A 242 9.98 -15.59 -2.27
C VAL A 242 10.90 -15.84 -1.09
N GLY A 243 11.34 -17.08 -0.91
CA GLY A 243 12.15 -17.44 0.22
C GLY A 243 13.07 -18.59 -0.09
N ASN A 244 13.84 -18.98 0.92
CA ASN A 244 14.85 -20.00 0.77
C ASN A 244 14.80 -20.90 1.99
N ILE A 245 14.75 -22.20 1.73
CA ILE A 245 14.64 -23.21 2.76
C ILE A 245 15.99 -23.86 2.99
N PRO A 246 16.41 -23.98 4.27
CA PRO A 246 17.70 -24.62 4.51
C PRO A 246 17.73 -26.10 4.17
N PRO A 247 18.92 -26.65 3.90
CA PRO A 247 19.07 -28.06 3.55
C PRO A 247 18.88 -28.96 4.75
N GLY A 248 19.13 -30.26 4.55
CA GLY A 248 19.01 -31.23 5.62
C GLY A 248 17.81 -32.15 5.44
N GLU A 249 17.48 -32.90 6.48
CA GLU A 249 16.44 -33.90 6.39
C GLU A 249 15.26 -33.59 7.29
N THR A 250 15.25 -32.44 7.94
CA THR A 250 14.13 -32.15 8.82
C THR A 250 12.99 -31.52 8.03
N ASP A 251 11.77 -31.83 8.43
CA ASP A 251 10.60 -31.17 7.88
C ASP A 251 10.63 -29.70 8.24
N TYR A 252 10.17 -28.86 7.34
CA TYR A 252 10.30 -27.43 7.53
C TYR A 252 8.95 -26.80 7.31
N THR A 253 8.43 -26.14 8.33
CA THR A 253 7.06 -25.61 8.26
C THR A 253 7.08 -24.14 7.93
N LEU A 254 6.47 -23.79 6.81
CA LEU A 254 6.30 -22.39 6.47
C LEU A 254 5.04 -21.95 7.16
N LYS A 255 5.11 -20.79 7.81
CA LYS A 255 4.00 -20.30 8.64
C LYS A 255 3.63 -18.86 8.31
N VAL A 256 2.33 -18.63 8.26
CA VAL A 256 1.80 -17.28 8.15
C VAL A 256 0.86 -17.16 9.32
N THR A 257 1.19 -16.26 10.24
CA THR A 257 0.47 -16.17 11.48
C THR A 257 0.20 -14.71 11.75
N GLY A 258 -0.84 -14.45 12.52
CA GLY A 258 -1.19 -13.08 12.80
C GLY A 258 -2.56 -13.00 13.43
N ASN A 259 -3.26 -11.90 13.15
CA ASN A 259 -4.59 -11.71 13.71
C ASN A 259 -5.28 -10.60 12.96
N TYR A 260 -6.57 -10.45 13.23
CA TYR A 260 -7.36 -9.34 12.71
C TYR A 260 -8.59 -9.18 13.57
N VAL A 261 -9.26 -8.05 13.42
CA VAL A 261 -10.50 -7.77 14.11
C VAL A 261 -11.63 -8.00 13.11
N ASP A 262 -12.52 -8.90 13.46
CA ASP A 262 -13.69 -9.27 12.66
C ASP A 262 -14.64 -8.09 12.69
N SER A 263 -15.04 -7.57 11.52
CA SER A 263 -15.83 -6.33 11.49
C SER A 263 -17.29 -6.51 11.91
N VAL A 264 -17.76 -7.75 11.87
CA VAL A 264 -19.16 -8.06 12.24
C VAL A 264 -19.29 -8.27 13.75
N SER A 265 -18.39 -9.06 14.32
CA SER A 265 -18.49 -9.40 15.74
C SER A 265 -17.65 -8.50 16.64
N ASN A 266 -16.69 -7.81 16.04
CA ASN A 266 -15.69 -7.03 16.76
C ASN A 266 -14.70 -7.89 17.54
N LYS A 267 -14.70 -9.20 17.29
CA LYS A 267 -13.77 -10.07 17.99
C LYS A 267 -12.41 -10.09 17.30
N ASN A 268 -11.37 -10.29 18.10
CA ASN A 268 -10.02 -10.39 17.60
C ASN A 268 -9.71 -11.87 17.34
N ILE A 269 -9.43 -12.19 16.07
CA ILE A 269 -9.33 -13.55 15.58
C ILE A 269 -7.90 -13.88 15.17
N GLU A 270 -7.46 -15.09 15.52
CA GLU A 270 -6.11 -15.51 15.17
C GLU A 270 -6.04 -16.01 13.72
N ILE A 271 -4.94 -15.72 13.06
CA ILE A 271 -4.58 -16.30 11.77
C ILE A 271 -3.46 -17.29 12.01
N ASP A 272 -3.64 -18.50 11.49
CA ASP A 272 -2.62 -19.53 11.60
C ASP A 272 -2.74 -20.44 10.40
N GLU A 273 -1.88 -20.22 9.42
CA GLU A 273 -1.85 -21.03 8.21
C GLU A 273 -0.44 -21.54 8.06
N SER A 274 -0.29 -22.79 7.66
CA SER A 274 1.04 -23.33 7.55
C SER A 274 1.08 -24.37 6.46
N LEU A 275 2.30 -24.64 6.02
CA LEU A 275 2.57 -25.68 5.05
C LEU A 275 3.83 -26.41 5.48
N VAL A 276 3.73 -27.72 5.61
CA VAL A 276 4.90 -28.49 5.94
C VAL A 276 5.64 -28.93 4.67
N ILE A 277 6.89 -28.52 4.58
CA ILE A 277 7.76 -28.93 3.49
C ILE A 277 8.54 -30.14 3.91
N LYS A 278 8.44 -31.19 3.09
CA LYS A 278 9.10 -32.44 3.36
C LYS A 278 10.30 -32.57 2.43
N ARG A 279 11.09 -33.62 2.62
CA ARG A 279 12.32 -33.81 1.87
C ARG A 279 12.16 -34.97 0.91
N ALA A 280 12.89 -34.91 -0.19
CA ALA A 280 12.84 -35.96 -1.20
C ALA A 280 14.11 -35.95 -2.01
N PRO A 281 14.32 -37.00 -2.80
CA PRO A 281 15.49 -36.96 -3.67
C PRO A 281 15.40 -35.83 -4.68
N ASP A 282 16.55 -35.38 -5.13
CA ASP A 282 16.62 -34.23 -6.02
C ASP A 282 15.66 -34.30 -7.22
N ASP A 283 15.60 -35.42 -7.93
CA ASP A 283 14.75 -35.46 -9.14
C ASP A 283 13.28 -35.30 -8.77
N GLU A 284 12.91 -35.85 -7.62
CA GLU A 284 11.53 -35.72 -7.17
C GLU A 284 11.22 -34.26 -6.77
N VAL A 285 12.15 -33.60 -6.10
CA VAL A 285 11.96 -32.19 -5.77
C VAL A 285 11.79 -31.37 -7.07
N ARG A 286 12.68 -31.59 -8.04
CA ARG A 286 12.63 -30.86 -9.31
C ARG A 286 11.30 -31.03 -10.03
N SER A 287 10.78 -32.26 -10.03
CA SER A 287 9.54 -32.58 -10.73
C SER A 287 8.30 -32.02 -10.05
N ASN A 288 8.42 -31.61 -8.80
CA ASN A 288 7.26 -31.21 -8.00
C ASN A 288 6.99 -29.70 -8.06
N PHE A 289 7.90 -28.92 -8.63
CA PHE A 289 7.74 -27.47 -8.58
C PHE A 289 6.55 -27.03 -9.44
N ASP A 290 5.72 -26.17 -8.89
CA ASP A 290 4.62 -25.59 -9.67
C ASP A 290 5.09 -24.29 -10.33
N ARG A 291 5.34 -24.39 -11.62
CA ARG A 291 5.93 -23.29 -12.35
C ARG A 291 4.93 -22.12 -12.50
N THR A 292 3.65 -22.40 -12.41
CA THR A 292 2.69 -21.30 -12.53
C THR A 292 2.81 -20.37 -11.32
N VAL A 293 3.03 -20.92 -10.13
CA VAL A 293 3.21 -20.11 -8.95
C VAL A 293 4.54 -19.33 -9.07
N ILE A 294 5.60 -20.01 -9.48
CA ILE A 294 6.89 -19.35 -9.64
C ILE A 294 6.77 -18.19 -10.64
N ASN A 295 6.11 -18.43 -11.75
CA ASN A 295 6.00 -17.37 -12.76
C ASN A 295 5.23 -16.16 -12.25
N GLU A 296 4.17 -16.39 -11.49
CA GLU A 296 3.37 -15.28 -11.03
C GLU A 296 4.19 -14.46 -10.05
N VAL A 297 4.85 -15.13 -9.10
CA VAL A 297 5.69 -14.40 -8.16
C VAL A 297 6.86 -13.66 -8.87
N SER A 298 7.40 -14.26 -9.92
CA SER A 298 8.50 -13.63 -10.66
C SER A 298 8.05 -12.30 -11.25
N TYR A 299 6.80 -12.24 -11.69
CA TYR A 299 6.28 -10.99 -12.21
C TYR A 299 6.49 -9.87 -11.20
N TYR A 300 6.12 -10.13 -9.95
CA TYR A 300 6.24 -9.09 -8.93
C TYR A 300 7.69 -8.81 -8.56
N MET A 301 8.57 -9.81 -8.64
CA MET A 301 9.99 -9.56 -8.46
C MET A 301 10.49 -8.61 -9.55
N LEU A 302 10.08 -8.86 -10.78
CA LEU A 302 10.44 -8.01 -11.91
C LEU A 302 9.85 -6.61 -11.74
N LEU A 303 8.62 -6.55 -11.26
CA LEU A 303 7.97 -5.24 -11.08
C LEU A 303 8.66 -4.39 -10.01
N ARG A 304 9.06 -5.03 -8.93
CA ARG A 304 9.83 -4.34 -7.89
C ARG A 304 11.13 -3.76 -8.47
N TYR A 305 11.86 -4.59 -9.21
CA TYR A 305 13.08 -4.19 -9.91
C TYR A 305 12.80 -2.99 -10.81
N TYR A 306 11.74 -3.11 -11.61
CA TYR A 306 11.35 -2.04 -12.52
C TYR A 306 11.10 -0.73 -11.78
N GLY A 307 10.35 -0.80 -10.69
CA GLY A 307 10.09 0.37 -9.88
C GLY A 307 11.38 1.03 -9.42
N ASN A 308 12.33 0.23 -9.00
CA ASN A 308 13.59 0.78 -8.55
C ASN A 308 14.37 1.40 -9.69
N LEU A 309 14.36 0.77 -10.87
CA LEU A 309 15.05 1.35 -12.03
C LEU A 309 14.48 2.73 -12.38
N ILE A 310 13.16 2.83 -12.38
CA ILE A 310 12.47 4.05 -12.74
C ILE A 310 12.75 5.14 -11.72
N SER A 311 12.70 4.78 -10.45
CA SER A 311 12.98 5.73 -9.38
CA SER A 311 12.98 5.73 -9.38
C SER A 311 14.43 6.22 -9.46
N GLU A 312 15.32 5.38 -10.01
CA GLU A 312 16.74 5.71 -10.18
C GLU A 312 17.03 6.37 -11.52
N GLY A 313 16.00 6.56 -12.32
CA GLY A 313 16.14 7.24 -13.60
C GLY A 313 16.83 6.42 -14.68
N LYS A 314 16.96 5.11 -14.48
CA LYS A 314 17.67 4.27 -15.44
C LYS A 314 16.72 3.88 -16.56
N SER A 315 16.53 4.80 -17.49
CA SER A 315 15.39 4.76 -18.38
C SER A 315 15.47 3.69 -19.47
N GLU A 316 16.62 3.49 -20.09
CA GLU A 316 16.71 2.45 -21.10
C GLU A 316 16.54 1.07 -20.46
N GLU A 317 17.19 0.85 -19.33
CA GLU A 317 17.10 -0.48 -18.74
C GLU A 317 15.67 -0.69 -18.29
N ALA A 318 15.06 0.38 -17.79
CA ALA A 318 13.67 0.29 -17.38
C ALA A 318 12.77 -0.12 -18.54
N THR A 319 13.01 0.39 -19.74
CA THR A 319 12.14 0.04 -20.87
CA THR A 319 12.15 0.05 -20.88
C THR A 319 12.39 -1.41 -21.26
N ARG A 320 13.62 -1.87 -21.12
CA ARG A 320 13.90 -3.28 -21.38
C ARG A 320 13.13 -4.16 -20.40
N VAL A 321 13.11 -3.77 -19.13
CA VAL A 321 12.37 -4.53 -18.13
C VAL A 321 10.85 -4.49 -18.36
N VAL A 322 10.35 -3.37 -18.86
CA VAL A 322 8.94 -3.29 -19.25
CA VAL A 322 8.95 -3.29 -19.24
C VAL A 322 8.63 -4.39 -20.25
N GLN A 323 9.53 -4.57 -21.21
CA GLN A 323 9.30 -5.60 -22.23
C GLN A 323 9.23 -6.96 -21.56
N GLU A 324 10.05 -7.15 -20.55
CA GLU A 324 10.07 -8.42 -19.86
C GLU A 324 8.87 -8.62 -18.96
N LEU A 325 8.41 -7.55 -18.33
CA LEU A 325 7.20 -7.59 -17.55
C LEU A 325 6.02 -8.01 -18.43
N LEU A 326 5.95 -7.44 -19.64
CA LEU A 326 4.91 -7.85 -20.57
C LEU A 326 5.01 -9.34 -20.80
N THR A 327 6.21 -9.82 -21.11
CA THR A 327 6.42 -11.24 -21.38
C THR A 327 6.02 -12.02 -20.13
N ALA A 328 6.48 -11.57 -18.97
CA ALA A 328 6.18 -12.28 -17.73
C ALA A 328 4.68 -12.29 -17.44
N ALA A 329 3.98 -11.20 -17.75
CA ALA A 329 2.56 -11.13 -17.45
C ALA A 329 1.78 -12.05 -18.38
N GLU A 330 2.13 -12.01 -19.66
CA GLU A 330 1.53 -12.94 -20.60
C GLU A 330 1.85 -14.39 -20.21
N ARG A 331 3.04 -14.64 -19.68
CA ARG A 331 3.39 -16.00 -19.26
C ARG A 331 2.41 -16.48 -18.19
N THR A 332 1.86 -15.55 -17.40
CA THR A 332 0.90 -15.91 -16.35
C THR A 332 -0.48 -16.12 -16.91
N LYS A 333 -0.75 -15.51 -18.06
CA LYS A 333 -2.06 -15.60 -18.68
C LYS A 333 -3.14 -14.86 -17.85
N ARG A 334 -2.68 -14.05 -16.90
CA ARG A 334 -3.57 -13.26 -16.05
CA ARG A 334 -3.58 -13.28 -16.07
CA ARG A 334 -3.57 -13.26 -16.07
C ARG A 334 -3.93 -11.97 -16.78
N VAL A 335 -5.21 -11.67 -16.88
CA VAL A 335 -5.66 -10.49 -17.64
C VAL A 335 -5.53 -9.13 -16.96
N GLU A 336 -5.92 -9.02 -15.69
CA GLU A 336 -5.74 -7.77 -14.96
C GLU A 336 -4.31 -7.35 -15.17
N LEU A 337 -3.44 -8.33 -15.05
CA LEU A 337 -2.02 -8.09 -14.96
C LEU A 337 -1.46 -7.59 -16.28
N ILE A 338 -1.90 -8.19 -17.37
CA ILE A 338 -1.46 -7.78 -18.69
C ILE A 338 -1.84 -6.31 -18.91
N GLU A 339 -3.09 -5.97 -18.62
CA GLU A 339 -3.58 -4.61 -18.85
C GLU A 339 -2.83 -3.62 -17.97
N ARG A 340 -2.57 -3.99 -16.72
CA ARG A 340 -1.83 -3.12 -15.82
C ARG A 340 -0.43 -2.85 -16.35
N THR A 341 0.21 -3.89 -16.87
CA THR A 341 1.57 -3.77 -17.38
C THR A 341 1.62 -2.82 -18.55
N LYS A 342 0.58 -2.83 -19.38
CA LYS A 342 0.55 -1.98 -20.55
C LYS A 342 0.32 -0.51 -20.18
N LYS A 343 0.01 -0.24 -18.92
CA LYS A 343 -0.13 1.14 -18.50
C LYS A 343 1.21 1.76 -18.17
N LEU A 344 2.27 0.95 -18.17
CA LEU A 344 3.61 1.46 -17.91
C LEU A 344 4.15 2.11 -19.17
N VAL A 345 4.19 3.44 -19.15
CA VAL A 345 4.47 4.22 -20.34
C VAL A 345 5.77 5.00 -20.26
N ASN A 346 6.61 4.69 -19.28
CA ASN A 346 7.94 5.30 -19.20
C ASN A 346 7.90 6.81 -18.82
N ASP A 347 6.71 7.29 -18.46
CA ASP A 347 6.53 8.56 -17.74
C ASP A 347 6.70 8.17 -16.28
N PRO A 348 7.73 8.68 -15.59
CA PRO A 348 8.02 8.10 -14.28
C PRO A 348 6.96 8.35 -13.19
N LYS A 349 6.24 9.46 -13.29
CA LYS A 349 5.15 9.73 -12.35
C LYS A 349 4.05 8.70 -12.58
N VAL A 350 3.65 8.50 -13.82
CA VAL A 350 2.65 7.49 -14.14
C VAL A 350 3.11 6.09 -13.72
N ASP A 351 4.37 5.78 -14.05
CA ASP A 351 4.88 4.42 -13.84
C ASP A 351 4.98 4.06 -12.36
N LEU A 352 5.57 4.95 -11.55
CA LEU A 352 5.70 4.65 -10.12
C LEU A 352 4.33 4.54 -9.44
N SER A 353 3.38 5.38 -9.84
CA SER A 353 2.02 5.23 -9.36
C SER A 353 1.43 3.88 -9.75
N GLU A 354 1.53 3.49 -11.01
CA GLU A 354 1.03 2.18 -11.41
CA GLU A 354 1.05 2.17 -11.45
C GLU A 354 1.74 1.01 -10.73
N VAL A 355 3.02 1.15 -10.41
CA VAL A 355 3.71 0.09 -9.68
C VAL A 355 3.00 -0.13 -8.34
N THR A 356 2.71 0.95 -7.61
CA THR A 356 2.05 0.78 -6.30
C THR A 356 0.65 0.18 -6.47
N LYS A 357 -0.06 0.55 -7.53
CA LYS A 357 -1.41 0.05 -7.74
C LYS A 357 -1.37 -1.44 -8.04
N THR A 358 -0.39 -1.88 -8.83
CA THR A 358 -0.28 -3.28 -9.20
C THR A 358 0.24 -4.11 -8.02
N MET A 359 1.16 -3.54 -7.28
CA MET A 359 1.71 -4.24 -6.12
C MET A 359 0.63 -4.48 -5.06
N ARG A 360 -0.18 -3.45 -4.79
CA ARG A 360 -1.12 -3.50 -3.67
C ARG A 360 -2.55 -3.19 -4.12
N THR A 361 -3.13 -4.08 -4.91
CA THR A 361 -4.48 -3.84 -5.43
C THR A 361 -5.47 -3.74 -4.29
N GLY A 362 -5.22 -4.46 -3.19
CA GLY A 362 -6.13 -4.43 -2.05
C GLY A 362 -6.13 -3.07 -1.36
N SER A 363 -5.14 -2.23 -1.68
CA SER A 363 -5.07 -0.89 -1.10
C SER A 363 -5.71 0.20 -1.97
N ILE A 364 -6.05 -0.17 -3.20
CA ILE A 364 -6.70 0.76 -4.11
C ILE A 364 -8.13 1.03 -3.66
N GLU A 365 -8.54 2.28 -3.76
CA GLU A 365 -9.92 2.64 -3.50
C GLU A 365 -10.41 3.32 -4.76
N GLY A 366 -11.59 2.90 -5.23
CA GLY A 366 -12.20 3.48 -6.41
C GLY A 366 -13.60 3.97 -6.09
#